data_3C8I
#
_entry.id   3C8I
#
_cell.length_a   50.374
_cell.length_b   99.837
_cell.length_c   124.621
_cell.angle_alpha   90.00
_cell.angle_beta   90.00
_cell.angle_gamma   90.00
#
_symmetry.space_group_name_H-M   'C 2 2 21'
#
loop_
_entity.id
_entity.type
_entity.pdbx_description
1 polymer 'Putative membrane protein'
2 water water
#
_entity_poly.entity_id   1
_entity_poly.type   'polypeptide(L)'
_entity_poly.pdbx_seq_one_letter_code
;PKQVGNAQHLYDNYDLVPAMIAEVNPRDMVVMALVNTNVDPTLPPRWALATRNITAIPGIEGDTRKVGTRIPAVAVTGQR
SVGNQDSWDQISPMPIAWATPDSSVIARAESTIPSEQWTTLSKNLNKLDQVRETKFDLLEL
;
_entity_poly.pdbx_strand_id   A,B
#
# COMPACT_ATOMS: atom_id res chain seq x y z
N ASP A 15 6.97 -8.03 -8.75
CA ASP A 15 8.47 -8.21 -8.50
C ASP A 15 8.86 -7.94 -7.04
N LEU A 16 9.23 -9.01 -6.35
CA LEU A 16 9.52 -8.97 -4.94
C LEU A 16 10.92 -8.39 -4.72
N VAL A 17 11.02 -7.41 -3.83
CA VAL A 17 12.29 -6.80 -3.47
C VAL A 17 12.38 -6.61 -1.96
N PRO A 18 13.61 -6.64 -1.42
CA PRO A 18 13.80 -6.30 -0.02
C PRO A 18 13.71 -4.79 0.18
N ALA A 19 13.05 -4.41 1.27
CA ALA A 19 13.04 -3.04 1.73
C ALA A 19 13.36 -3.05 3.23
N MET A 20 13.71 -1.88 3.74
CA MET A 20 14.21 -1.78 5.11
C MET A 20 13.95 -0.37 5.57
N ILE A 21 13.58 -0.22 6.84
CA ILE A 21 13.45 1.10 7.43
C ILE A 21 14.83 1.76 7.51
N ALA A 22 14.96 2.91 6.85
CA ALA A 22 16.21 3.64 6.78
C ALA A 22 16.22 4.89 7.68
N GLU A 23 15.04 5.36 8.06
CA GLU A 23 14.96 6.54 8.92
C GLU A 23 13.62 6.53 9.61
N VAL A 24 13.62 6.96 10.87
CA VAL A 24 12.39 7.06 11.66
C VAL A 24 12.30 8.48 12.25
N ASN A 25 11.15 9.11 12.04
CA ASN A 25 10.90 10.48 12.50
C ASN A 25 9.60 10.48 13.29
N PRO A 26 9.32 11.58 14.02
CA PRO A 26 8.10 11.55 14.83
C PRO A 26 6.83 11.14 14.08
N ARG A 27 6.58 11.73 12.91
CA ARG A 27 5.32 11.50 12.20
C ARG A 27 5.47 10.84 10.80
N ASP A 28 6.68 10.36 10.48
CA ASP A 28 6.92 9.66 9.23
C ASP A 28 8.18 8.79 9.33
N MET A 29 8.37 7.95 8.32
CA MET A 29 9.57 7.14 8.22
C MET A 29 9.97 6.99 6.76
N VAL A 30 11.17 6.48 6.51
CA VAL A 30 11.64 6.31 5.14
C VAL A 30 12.07 4.86 5.00
N VAL A 31 11.54 4.18 4.00
CA VAL A 31 12.04 2.87 3.61
C VAL A 31 12.97 2.93 2.39
N MET A 32 14.01 2.08 2.38
CA MET A 32 14.90 1.91 1.23
C MET A 32 14.73 0.49 0.73
N ALA A 33 14.67 0.35 -0.59
CA ALA A 33 14.60 -0.93 -1.25
C ALA A 33 15.80 -1.14 -2.18
N LEU A 34 16.20 -2.40 -2.34
CA LEU A 34 17.15 -2.80 -3.38
C LEU A 34 16.40 -3.33 -4.58
N VAL A 35 16.54 -2.62 -5.69
CA VAL A 35 15.77 -2.88 -6.89
C VAL A 35 16.67 -3.04 -8.13
N ASN A 36 16.14 -3.70 -9.16
CA ASN A 36 16.80 -3.86 -10.45
C ASN A 36 16.15 -2.91 -11.45
N THR A 37 16.93 -1.97 -12.00
CA THR A 37 16.34 -0.99 -12.90
C THR A 37 16.27 -1.44 -14.36
N ASN A 38 16.83 -2.61 -14.70
CA ASN A 38 16.73 -3.09 -16.09
C ASN A 38 15.28 -3.46 -16.39
N VAL A 39 14.80 -3.08 -17.56
CA VAL A 39 13.46 -3.46 -18.03
C VAL A 39 13.46 -4.96 -18.40
N ASP A 40 14.58 -5.43 -18.94
CA ASP A 40 14.78 -6.85 -19.31
C ASP A 40 15.26 -7.64 -18.10
N PRO A 41 14.38 -8.48 -17.48
CA PRO A 41 14.79 -9.17 -16.26
C PRO A 41 15.75 -10.32 -16.54
N THR A 42 16.01 -10.65 -17.81
CA THR A 42 16.93 -11.76 -18.14
C THR A 42 18.40 -11.33 -18.16
N LEU A 43 18.64 -10.03 -18.05
CA LEU A 43 19.98 -9.46 -18.00
C LEU A 43 20.51 -9.58 -16.58
N PRO A 44 21.86 -9.51 -16.40
CA PRO A 44 22.37 -9.40 -15.01
C PRO A 44 21.77 -8.15 -14.34
N PRO A 45 21.37 -8.23 -13.05
CA PRO A 45 20.66 -7.07 -12.53
C PRO A 45 21.46 -5.78 -12.53
N ARG A 46 20.75 -4.67 -12.75
CA ARG A 46 21.30 -3.33 -12.61
C ARG A 46 20.83 -2.79 -11.27
N TRP A 47 21.62 -3.07 -10.21
CA TRP A 47 21.18 -2.80 -8.84
C TRP A 47 21.08 -1.30 -8.55
N ALA A 48 20.04 -0.92 -7.81
CA ALA A 48 19.78 0.46 -7.43
C ALA A 48 19.10 0.49 -6.06
N LEU A 49 19.19 1.62 -5.41
CA LEU A 49 18.51 1.87 -4.15
C LEU A 49 17.37 2.87 -4.41
N ALA A 50 16.18 2.54 -3.89
CA ALA A 50 15.00 3.38 -4.03
C ALA A 50 14.43 3.68 -2.68
N THR A 51 14.03 4.92 -2.45
CA THR A 51 13.50 5.30 -1.15
C THR A 51 12.09 5.82 -1.26
N ARG A 52 11.35 5.71 -0.17
CA ARG A 52 9.98 6.19 -0.12
C ARG A 52 9.66 6.65 1.29
N ASN A 53 9.13 7.87 1.39
CA ASN A 53 8.64 8.39 2.66
C ASN A 53 7.23 7.84 2.89
N ILE A 54 7.03 7.18 4.01
CA ILE A 54 5.71 6.69 4.33
C ILE A 54 5.41 6.98 5.80
N THR A 55 4.17 6.71 6.20
CA THR A 55 3.78 7.01 7.56
C THR A 55 3.63 5.78 8.40
N ALA A 56 3.07 4.71 7.85
CA ALA A 56 2.75 3.54 8.65
C ALA A 56 2.74 2.27 7.84
N ILE A 57 3.06 1.17 8.49
CA ILE A 57 2.95 -0.15 7.88
C ILE A 57 2.31 -1.08 8.92
N PRO A 58 1.24 -1.78 8.54
CA PRO A 58 0.62 -2.74 9.47
C PRO A 58 1.63 -3.77 9.96
N GLY A 59 1.74 -3.89 11.28
CA GLY A 59 2.77 -4.72 11.89
C GLY A 59 4.00 -3.97 12.35
N ILE A 60 4.19 -2.72 11.94
CA ILE A 60 5.40 -2.00 12.31
C ILE A 60 5.03 -0.96 13.37
N GLU A 61 5.15 -1.40 14.62
CA GLU A 61 4.62 -0.65 15.76
C GLU A 61 5.70 -0.63 16.84
N GLY A 62 5.95 0.55 17.40
CA GLY A 62 6.88 0.74 18.51
C GLY A 62 8.23 0.08 18.36
N ASP A 63 8.34 -1.14 18.88
CA ASP A 63 9.62 -1.85 19.03
C ASP A 63 10.26 -2.15 17.65
N THR A 64 9.43 -2.67 16.74
CA THR A 64 9.88 -3.02 15.40
C THR A 64 9.94 -1.79 14.48
N ARG A 65 9.41 -0.65 14.93
CA ARG A 65 9.53 0.61 14.18
C ARG A 65 10.88 1.27 14.44
N LYS A 66 11.91 0.74 13.80
CA LYS A 66 13.25 1.28 13.95
C LYS A 66 14.09 1.06 12.70
N VAL A 67 15.13 1.88 12.56
CA VAL A 67 16.08 1.72 11.47
C VAL A 67 16.61 0.27 11.47
N GLY A 68 16.53 -0.37 10.32
CA GLY A 68 17.03 -1.73 10.14
C GLY A 68 15.98 -2.81 10.01
N THR A 69 14.74 -2.51 10.42
CA THR A 69 13.68 -3.49 10.32
C THR A 69 13.42 -3.89 8.86
N ARG A 70 13.36 -5.19 8.61
CA ARG A 70 13.08 -5.71 7.26
C ARG A 70 11.63 -5.56 6.87
N ILE A 71 11.38 -5.10 5.64
CA ILE A 71 10.05 -4.91 5.12
C ILE A 71 9.99 -5.46 3.71
N PRO A 72 9.36 -6.63 3.49
CA PRO A 72 9.29 -7.11 2.11
C PRO A 72 8.36 -6.23 1.29
N ALA A 73 8.70 -6.03 0.02
CA ALA A 73 8.03 -5.07 -0.82
C ALA A 73 7.90 -5.54 -2.25
N VAL A 74 7.08 -4.82 -3.02
CA VAL A 74 7.09 -4.98 -4.45
C VAL A 74 7.59 -3.69 -5.10
N ALA A 75 8.28 -3.85 -6.21
CA ALA A 75 8.86 -2.74 -6.95
C ALA A 75 7.87 -2.25 -7.95
N VAL A 76 7.24 -1.12 -7.67
CA VAL A 76 6.29 -0.54 -8.59
C VAL A 76 7.01 0.38 -9.58
N THR A 77 6.97 0.01 -10.85
CA THR A 77 7.73 0.70 -11.88
C THR A 77 6.95 1.91 -12.41
N GLY A 78 7.69 2.94 -12.80
CA GLY A 78 7.11 4.13 -13.35
C GLY A 78 7.62 4.36 -14.76
N GLN A 79 8.25 5.51 -14.95
CA GLN A 79 8.78 5.98 -16.23
C GLN A 79 9.93 5.07 -16.67
N ARG A 80 9.91 4.72 -17.94
CA ARG A 80 10.96 3.98 -18.61
C ARG A 80 11.51 4.80 -19.79
N SER A 81 12.80 4.70 -20.04
CA SER A 81 13.41 5.35 -21.19
C SER A 81 14.64 4.54 -21.64
N VAL A 82 15.01 4.73 -22.89
CA VAL A 82 16.11 3.99 -23.50
C VAL A 82 17.23 4.94 -23.89
N GLY A 83 18.39 4.83 -23.24
CA GLY A 83 19.62 5.44 -23.76
C GLY A 83 20.66 4.36 -23.95
N ASN A 84 21.74 4.40 -23.18
CA ASN A 84 22.78 3.38 -23.23
C ASN A 84 22.27 2.07 -22.61
N GLN A 85 21.21 2.17 -21.81
CA GLN A 85 20.48 1.01 -21.32
C GLN A 85 18.98 1.30 -21.38
N ASP A 86 18.17 0.23 -21.38
CA ASP A 86 16.72 0.32 -21.34
C ASP A 86 16.35 0.04 -19.88
N SER A 87 16.00 1.10 -19.16
CA SER A 87 15.85 1.02 -17.73
C SER A 87 14.68 1.89 -17.25
N TRP A 88 14.19 1.52 -16.08
CA TRP A 88 13.20 2.32 -15.36
C TRP A 88 13.89 3.55 -14.75
N ASP A 89 13.30 4.71 -14.99
CA ASP A 89 13.74 5.96 -14.37
C ASP A 89 13.14 6.16 -12.97
N GLN A 90 12.00 5.52 -12.70
CA GLN A 90 11.41 5.54 -11.38
C GLN A 90 10.95 4.16 -11.00
N ILE A 91 11.25 3.81 -9.76
CA ILE A 91 10.73 2.61 -9.11
C ILE A 91 10.45 2.94 -7.64
N SER A 92 9.24 2.62 -7.21
CA SER A 92 8.78 2.94 -5.88
C SER A 92 8.46 1.63 -5.12
N PRO A 93 9.10 1.40 -3.94
CA PRO A 93 8.78 0.16 -3.20
C PRO A 93 7.40 0.29 -2.55
N MET A 94 6.61 -0.77 -2.60
CA MET A 94 5.35 -0.78 -1.86
C MET A 94 5.41 -1.92 -0.85
N PRO A 95 5.34 -1.60 0.45
CA PRO A 95 5.30 -2.69 1.41
C PRO A 95 4.18 -3.70 1.12
N ILE A 96 4.54 -4.97 1.14
CA ILE A 96 3.56 -6.04 0.99
C ILE A 96 2.48 -5.98 2.08
N ALA A 97 2.88 -5.61 3.30
CA ALA A 97 1.92 -5.47 4.42
C ALA A 97 0.77 -4.46 4.16
N TRP A 98 0.97 -3.47 3.27
CA TRP A 98 -0.11 -2.64 2.79
C TRP A 98 -1.23 -3.42 2.16
N ALA A 99 -0.94 -4.54 1.50
CA ALA A 99 -1.96 -5.40 0.94
C ALA A 99 -2.52 -6.34 2.01
N THR A 100 -1.62 -7.00 2.75
CA THR A 100 -1.98 -7.83 3.91
C THR A 100 -0.80 -8.00 4.85
N PRO A 101 -1.03 -7.81 6.16
CA PRO A 101 0.02 -8.07 7.15
C PRO A 101 0.09 -9.53 7.65
N ASP A 102 -0.64 -10.43 7.01
CA ASP A 102 -0.61 -11.85 7.38
C ASP A 102 0.81 -12.34 7.59
N SER A 103 1.06 -12.92 8.75
CA SER A 103 2.42 -13.30 9.12
C SER A 103 3.04 -14.37 8.19
N SER A 104 2.24 -15.30 7.69
CA SER A 104 2.75 -16.31 6.75
C SER A 104 3.21 -15.62 5.46
N VAL A 105 2.43 -14.66 5.00
CA VAL A 105 2.73 -13.90 3.77
C VAL A 105 4.02 -13.11 3.92
N ILE A 106 4.13 -12.34 5.00
CA ILE A 106 5.27 -11.45 5.19
C ILE A 106 6.54 -12.29 5.45
N ALA A 107 6.42 -13.35 6.25
CA ALA A 107 7.55 -14.22 6.55
C ALA A 107 8.01 -14.96 5.30
N ARG A 108 7.06 -15.41 4.47
CA ARG A 108 7.42 -16.15 3.24
C ARG A 108 8.13 -15.24 2.26
N ALA A 109 7.63 -14.02 2.14
CA ALA A 109 8.20 -13.01 1.24
C ALA A 109 9.62 -12.67 1.66
N GLU A 110 9.84 -12.45 2.95
CA GLU A 110 11.19 -12.22 3.44
C GLU A 110 12.15 -13.39 3.12
N SER A 111 11.70 -14.63 3.30
CA SER A 111 12.56 -15.79 3.02
C SER A 111 12.79 -16.09 1.54
N THR A 112 11.88 -15.61 0.70
CA THR A 112 11.95 -15.76 -0.74
C THR A 112 13.01 -14.81 -1.36
N ILE A 113 13.22 -13.66 -0.74
CA ILE A 113 14.27 -12.75 -1.18
C ILE A 113 15.65 -13.28 -0.77
N PRO A 114 16.58 -13.46 -1.74
CA PRO A 114 17.92 -13.99 -1.44
C PRO A 114 18.63 -13.25 -0.30
N SER A 115 19.33 -13.99 0.54
CA SER A 115 20.00 -13.35 1.68
C SER A 115 21.04 -12.32 1.25
N GLU A 116 21.64 -12.55 0.07
CA GLU A 116 22.65 -11.64 -0.48
C GLU A 116 22.06 -10.25 -0.73
N GLN A 117 20.81 -10.21 -1.19
CA GLN A 117 20.13 -8.94 -1.38
C GLN A 117 19.81 -8.24 -0.06
N TRP A 118 19.38 -9.00 0.95
CA TRP A 118 19.18 -8.43 2.28
C TRP A 118 20.49 -7.83 2.81
N THR A 119 21.58 -8.59 2.67
CA THR A 119 22.89 -8.10 3.10
C THR A 119 23.31 -6.84 2.35
N THR A 120 23.15 -6.84 1.04
CA THR A 120 23.50 -5.67 0.23
C THR A 120 22.70 -4.44 0.67
N LEU A 121 21.40 -4.61 0.90
CA LEU A 121 20.56 -3.50 1.34
C LEU A 121 21.05 -2.94 2.69
N SER A 122 21.25 -3.83 3.65
CA SER A 122 21.62 -3.41 5.00
C SER A 122 22.97 -2.65 4.98
N LYS A 123 23.89 -3.10 4.14
CA LYS A 123 25.19 -2.42 3.96
C LYS A 123 25.13 -1.06 3.28
N ASN A 124 24.09 -0.84 2.48
CA ASN A 124 23.91 0.43 1.78
C ASN A 124 22.90 1.34 2.46
N LEU A 125 22.42 0.91 3.63
CA LEU A 125 21.39 1.65 4.33
C LEU A 125 21.83 3.06 4.66
N ASN A 126 23.14 3.22 4.92
CA ASN A 126 23.71 4.53 5.19
C ASN A 126 23.83 5.47 3.97
N LYS A 127 23.43 5.03 2.78
CA LYS A 127 23.42 5.91 1.59
C LYS A 127 22.12 6.72 1.42
N LEU A 128 21.28 6.76 2.45
CA LEU A 128 19.99 7.44 2.34
C LEU A 128 20.06 8.87 1.78
N ASP A 129 20.97 9.68 2.29
CA ASP A 129 21.00 11.10 1.88
C ASP A 129 21.38 11.25 0.43
N GLN A 130 22.31 10.41 -0.05
CA GLN A 130 22.68 10.37 -1.47
C GLN A 130 21.50 9.98 -2.37
N VAL A 131 20.69 9.00 -1.93
CA VAL A 131 19.50 8.59 -2.71
C VAL A 131 18.52 9.76 -2.82
N ARG A 132 18.30 10.45 -1.70
CA ARG A 132 17.34 11.55 -1.67
C ARG A 132 17.85 12.79 -2.46
N GLU A 133 19.12 12.79 -2.83
CA GLU A 133 19.67 13.85 -3.68
C GLU A 133 19.43 13.59 -5.18
N THR A 134 18.94 12.40 -5.55
CA THR A 134 18.74 12.09 -6.98
C THR A 134 17.37 12.63 -7.43
N LYS A 135 17.12 12.61 -8.73
CA LYS A 135 15.87 13.16 -9.24
C LYS A 135 14.59 12.40 -8.88
N PHE A 136 14.70 11.07 -8.82
CA PHE A 136 13.55 10.22 -8.55
C PHE A 136 13.74 9.33 -7.33
N ASP A 137 14.59 9.73 -6.38
CA ASP A 137 14.88 8.91 -5.19
C ASP A 137 15.27 7.49 -5.59
N LEU A 138 16.16 7.40 -6.56
CA LEU A 138 16.60 6.14 -7.14
C LEU A 138 18.02 6.36 -7.53
N LEU A 139 18.91 5.54 -6.97
CA LEU A 139 20.37 5.66 -7.15
C LEU A 139 20.97 4.33 -7.56
N GLU A 140 21.45 4.26 -8.80
CA GLU A 140 22.05 3.04 -9.30
C GLU A 140 23.37 2.85 -8.58
N LEU A 141 23.65 1.61 -8.22
CA LEU A 141 24.84 1.26 -7.47
C LEU A 141 26.00 1.02 -8.45
N ASN B 13 -4.29 4.42 -12.04
CA ASN B 13 -3.54 3.16 -11.69
C ASN B 13 -3.72 2.70 -10.23
N TYR B 14 -3.69 3.66 -9.31
CA TYR B 14 -3.98 3.39 -7.89
C TYR B 14 -4.96 4.45 -7.43
N ASP B 15 -6.22 4.33 -7.86
CA ASP B 15 -7.15 5.46 -7.69
C ASP B 15 -7.89 5.50 -6.37
N LEU B 16 -8.45 6.67 -6.06
CA LEU B 16 -9.00 6.93 -4.76
C LEU B 16 -10.34 6.23 -4.62
N VAL B 17 -10.54 5.59 -3.47
CA VAL B 17 -11.81 5.06 -3.10
C VAL B 17 -12.20 5.62 -1.74
N PRO B 18 -13.50 5.83 -1.51
CA PRO B 18 -13.89 6.17 -0.14
C PRO B 18 -13.84 4.95 0.78
N ALA B 19 -13.40 5.17 2.01
CA ALA B 19 -13.52 4.19 3.08
C ALA B 19 -14.03 4.89 4.36
N MET B 20 -14.56 4.10 5.28
CA MET B 20 -15.21 4.62 6.46
C MET B 20 -15.12 3.60 7.59
N ILE B 21 -14.99 4.08 8.81
CA ILE B 21 -14.96 3.20 9.98
C ILE B 21 -16.37 2.65 10.18
N ALA B 22 -16.47 1.32 10.13
CA ALA B 22 -17.74 0.60 10.22
C ALA B 22 -17.94 -0.04 11.59
N GLU B 23 -16.85 -0.25 12.31
CA GLU B 23 -16.90 -0.86 13.63
C GLU B 23 -15.61 -0.56 14.39
N VAL B 24 -15.76 -0.33 15.70
CA VAL B 24 -14.62 -0.02 16.57
C VAL B 24 -14.61 -0.97 17.76
N ASN B 25 -13.43 -1.57 18.02
CA ASN B 25 -13.23 -2.59 19.04
C ASN B 25 -12.03 -2.17 19.91
N PRO B 26 -11.81 -2.84 21.05
CA PRO B 26 -10.64 -2.44 21.85
C PRO B 26 -9.29 -2.50 21.12
N ARG B 27 -9.05 -3.56 20.34
CA ARG B 27 -7.74 -3.74 19.72
C ARG B 27 -7.65 -3.30 18.25
N ASP B 28 -8.79 -3.07 17.60
CA ASP B 28 -8.79 -2.70 16.19
C ASP B 28 -10.11 -2.08 15.73
N MET B 29 -10.12 -1.67 14.46
CA MET B 29 -11.31 -1.16 13.81
C MET B 29 -11.53 -1.87 12.47
N VAL B 30 -12.76 -1.80 11.99
CA VAL B 30 -13.10 -2.36 10.70
C VAL B 30 -13.48 -1.21 9.79
N VAL B 31 -12.81 -1.13 8.65
CA VAL B 31 -13.08 -0.12 7.67
C VAL B 31 -13.81 -0.80 6.51
N MET B 32 -14.76 -0.08 5.91
CA MET B 32 -15.48 -0.52 4.71
C MET B 32 -15.14 0.45 3.61
N ALA B 33 -14.83 -0.06 2.42
CA ALA B 33 -14.57 0.79 1.25
C ALA B 33 -15.53 0.48 0.12
N LEU B 34 -15.83 1.50 -0.69
CA LEU B 34 -16.63 1.33 -1.91
C LEU B 34 -15.68 1.17 -3.10
N VAL B 35 -15.69 -0.02 -3.70
CA VAL B 35 -14.75 -0.39 -4.75
C VAL B 35 -15.46 -0.86 -6.03
N ASN B 36 -14.73 -0.75 -7.13
CA ASN B 36 -15.19 -1.17 -8.44
C ASN B 36 -14.59 -2.51 -8.75
N THR B 37 -15.41 -3.53 -8.91
CA THR B 37 -14.89 -4.89 -9.19
C THR B 37 -14.52 -5.16 -10.65
N ASN B 38 -14.77 -4.21 -11.55
CA ASN B 38 -14.33 -4.38 -12.95
C ASN B 38 -12.82 -4.25 -13.09
N VAL B 39 -12.20 -5.20 -13.78
CA VAL B 39 -10.78 -5.09 -14.08
C VAL B 39 -10.52 -3.90 -15.03
N ASP B 40 -11.44 -3.68 -15.99
CA ASP B 40 -11.38 -2.49 -16.87
C ASP B 40 -12.10 -1.29 -16.27
N PRO B 41 -11.34 -0.26 -15.87
CA PRO B 41 -11.91 0.87 -15.15
C PRO B 41 -12.67 1.86 -16.02
N THR B 42 -12.60 1.70 -17.35
CA THR B 42 -13.29 2.60 -18.26
C THR B 42 -14.76 2.24 -18.39
N LEU B 43 -15.12 1.01 -18.03
CA LEU B 43 -16.51 0.56 -18.13
C LEU B 43 -17.33 1.23 -17.02
N PRO B 44 -18.68 1.22 -17.17
CA PRO B 44 -19.50 1.62 -16.02
C PRO B 44 -19.15 0.73 -14.83
N PRO B 45 -18.94 1.35 -13.64
CA PRO B 45 -18.40 0.60 -12.52
C PRO B 45 -19.38 -0.43 -11.96
N ARG B 46 -18.80 -1.49 -11.44
CA ARG B 46 -19.54 -2.53 -10.78
C ARG B 46 -19.23 -2.43 -9.30
N TRP B 47 -20.11 -1.74 -8.58
CA TRP B 47 -19.78 -1.35 -7.21
C TRP B 47 -19.87 -2.51 -6.24
N ALA B 48 -18.99 -2.49 -5.26
CA ALA B 48 -18.97 -3.46 -4.19
C ALA B 48 -18.43 -2.83 -2.91
N LEU B 49 -18.69 -3.50 -1.79
CA LEU B 49 -18.22 -3.10 -0.49
C LEU B 49 -17.13 -4.07 -0.07
N ALA B 50 -15.98 -3.54 0.36
CA ALA B 50 -14.86 -4.37 0.79
C ALA B 50 -14.51 -3.95 2.21
N THR B 51 -14.35 -4.90 3.11
CA THR B 51 -13.96 -4.57 4.46
C THR B 51 -12.58 -5.05 4.83
N ARG B 52 -12.00 -4.40 5.84
CA ARG B 52 -10.67 -4.74 6.31
C ARG B 52 -10.52 -4.36 7.77
N ASN B 53 -9.96 -5.29 8.52
CA ASN B 53 -9.62 -5.07 9.91
C ASN B 53 -8.28 -4.37 10.01
N ILE B 54 -8.28 -3.23 10.68
CA ILE B 54 -7.10 -2.35 10.75
C ILE B 54 -6.78 -2.00 12.20
N THR B 55 -5.51 -2.07 12.56
CA THR B 55 -5.13 -1.78 13.95
C THR B 55 -4.90 -0.27 14.17
N ALA B 56 -4.21 0.39 13.24
CA ALA B 56 -3.80 1.78 13.41
C ALA B 56 -3.87 2.59 12.13
N ILE B 57 -4.44 3.79 12.23
CA ILE B 57 -4.37 4.77 11.15
C ILE B 57 -3.96 6.10 11.76
N PRO B 58 -2.81 6.66 11.34
CA PRO B 58 -2.39 7.96 11.83
C PRO B 58 -3.51 9.00 11.75
N GLY B 59 -3.71 9.76 12.82
CA GLY B 59 -4.79 10.73 12.87
C GLY B 59 -6.08 10.19 13.47
N ILE B 60 -6.29 8.88 13.39
CA ILE B 60 -7.53 8.27 13.91
C ILE B 60 -7.30 7.69 15.29
N GLU B 61 -7.53 8.52 16.30
CA GLU B 61 -7.39 8.14 17.69
C GLU B 61 -8.44 8.92 18.47
N GLY B 62 -9.02 8.28 19.48
CA GLY B 62 -9.93 8.93 20.40
C GLY B 62 -11.23 9.40 19.80
N ASP B 63 -11.37 10.72 19.64
CA ASP B 63 -12.65 11.31 19.26
C ASP B 63 -12.96 11.06 17.77
N THR B 64 -11.93 10.80 16.96
CA THR B 64 -12.15 10.47 15.55
C THR B 64 -12.17 8.97 15.32
N ARG B 65 -11.85 8.17 16.35
CA ARG B 65 -11.92 6.72 16.25
C ARG B 65 -13.36 6.26 16.52
N LYS B 66 -14.22 6.53 15.54
CA LYS B 66 -15.65 6.40 15.68
C LYS B 66 -16.24 5.83 14.43
N VAL B 67 -17.31 5.07 14.59
CA VAL B 67 -18.09 4.57 13.47
C VAL B 67 -18.57 5.76 12.63
N GLY B 68 -18.29 5.73 11.33
CA GLY B 68 -18.69 6.81 10.42
C GLY B 68 -17.58 7.77 10.01
N THR B 69 -16.45 7.77 10.71
CA THR B 69 -15.31 8.60 10.32
C THR B 69 -14.85 8.28 8.91
N ARG B 70 -14.71 9.31 8.08
CA ARG B 70 -14.26 9.13 6.72
C ARG B 70 -12.73 8.91 6.61
N ILE B 71 -12.35 7.96 5.76
CA ILE B 71 -10.97 7.54 5.54
C ILE B 71 -10.74 7.45 4.03
N PRO B 72 -10.11 8.46 3.43
CA PRO B 72 -9.74 8.33 2.03
C PRO B 72 -8.75 7.18 1.83
N ALA B 73 -8.95 6.37 0.78
CA ALA B 73 -8.24 5.12 0.61
C ALA B 73 -7.90 4.90 -0.86
N VAL B 74 -7.07 3.90 -1.11
CA VAL B 74 -6.89 3.37 -2.46
C VAL B 74 -6.97 1.85 -2.44
N ALA B 75 -7.38 1.27 -3.57
CA ALA B 75 -7.43 -0.16 -3.73
C ALA B 75 -6.04 -0.57 -4.14
N VAL B 76 -5.32 -1.19 -3.22
CA VAL B 76 -3.89 -1.41 -3.41
C VAL B 76 -3.61 -2.67 -4.19
N THR B 77 -4.43 -3.72 -3.99
CA THR B 77 -4.24 -4.97 -4.71
C THR B 77 -5.59 -5.60 -4.86
N GLY B 78 -5.67 -6.56 -5.78
CA GLY B 78 -6.84 -7.40 -5.92
C GLY B 78 -6.52 -8.75 -6.54
N GLN B 79 -7.47 -9.67 -6.44
CA GLN B 79 -7.30 -11.00 -7.04
C GLN B 79 -8.45 -11.25 -7.98
N ARG B 80 -8.13 -11.82 -9.13
CA ARG B 80 -9.12 -12.08 -10.18
C ARG B 80 -10.10 -13.19 -9.82
N SER B 81 -11.32 -13.08 -10.34
CA SER B 81 -12.31 -14.12 -10.17
C SER B 81 -11.96 -15.31 -11.08
N VAL B 82 -12.28 -16.51 -10.62
CA VAL B 82 -11.99 -17.72 -11.38
C VAL B 82 -12.95 -17.87 -12.58
N GLY B 83 -14.25 -17.84 -12.31
CA GLY B 83 -15.26 -18.11 -13.33
C GLY B 83 -15.30 -16.99 -14.36
N ASN B 84 -15.53 -15.79 -13.84
CA ASN B 84 -15.28 -14.60 -14.63
C ASN B 84 -13.80 -14.46 -14.93
N GLN B 85 -13.52 -13.72 -15.98
CA GLN B 85 -12.37 -12.88 -16.03
C GLN B 85 -13.10 -11.54 -16.15
N ASP B 86 -12.36 -10.44 -16.18
CA ASP B 86 -12.98 -9.11 -16.15
C ASP B 86 -13.41 -8.62 -14.75
N SER B 87 -13.42 -9.49 -13.73
CA SER B 87 -13.78 -9.06 -12.36
C SER B 87 -12.74 -9.43 -11.31
N TRP B 88 -12.59 -8.55 -10.32
CA TRP B 88 -11.86 -8.87 -9.07
C TRP B 88 -12.82 -9.53 -8.12
N ASP B 89 -12.39 -10.64 -7.51
CA ASP B 89 -13.18 -11.32 -6.48
C ASP B 89 -12.71 -10.98 -5.05
N GLN B 90 -11.59 -10.29 -4.96
CA GLN B 90 -11.03 -9.82 -3.70
C GLN B 90 -10.31 -8.53 -3.97
N ILE B 91 -10.47 -7.54 -3.08
CA ILE B 91 -9.78 -6.24 -3.21
C ILE B 91 -9.35 -5.75 -1.82
N SER B 92 -8.08 -5.40 -1.66
CA SER B 92 -7.55 -4.81 -0.41
C SER B 92 -7.51 -3.29 -0.46
N PRO B 93 -8.36 -2.63 0.34
CA PRO B 93 -8.25 -1.19 0.47
C PRO B 93 -7.20 -0.82 1.51
N MET B 94 -6.52 0.30 1.30
CA MET B 94 -5.61 0.87 2.31
C MET B 94 -5.89 2.36 2.49
N PRO B 95 -5.80 2.84 3.75
CA PRO B 95 -5.89 4.28 3.98
C PRO B 95 -4.72 5.03 3.41
N ILE B 96 -4.98 6.16 2.75
CA ILE B 96 -3.86 6.94 2.16
C ILE B 96 -2.99 7.54 3.27
N ALA B 97 -3.57 7.70 4.45
CA ALA B 97 -2.81 8.14 5.64
C ALA B 97 -1.61 7.24 6.01
N TRP B 98 -1.53 6.01 5.47
CA TRP B 98 -0.36 5.16 5.70
C TRP B 98 0.81 5.58 4.81
N ALA B 99 0.48 6.27 3.73
CA ALA B 99 1.45 6.75 2.73
C ALA B 99 1.88 8.21 2.88
N THR B 100 1.06 9.07 3.50
CA THR B 100 1.42 10.49 3.66
C THR B 100 1.03 11.09 5.02
N PRO B 101 1.95 11.84 5.67
CA PRO B 101 1.64 12.50 6.95
C PRO B 101 0.87 13.81 6.76
N ASP B 102 0.79 14.26 5.52
CA ASP B 102 0.37 15.60 5.21
C ASP B 102 -1.16 15.74 5.23
N SER B 103 -1.67 16.37 6.28
CA SER B 103 -3.12 16.59 6.53
C SER B 103 -3.91 17.17 5.37
N SER B 104 -3.29 18.02 4.56
CA SER B 104 -4.00 18.71 3.47
C SER B 104 -4.14 17.82 2.23
N VAL B 105 -3.15 16.96 1.98
CA VAL B 105 -3.24 15.97 0.90
C VAL B 105 -4.33 14.92 1.20
N ILE B 106 -4.47 14.56 2.48
CA ILE B 106 -5.52 13.65 2.92
C ILE B 106 -6.87 14.36 2.85
N ALA B 107 -6.90 15.62 3.26
CA ALA B 107 -8.12 16.44 3.18
C ALA B 107 -8.55 16.63 1.73
N ARG B 108 -7.57 16.86 0.85
CA ARG B 108 -7.83 16.99 -0.57
C ARG B 108 -8.43 15.72 -1.15
N ALA B 109 -7.77 14.59 -0.85
CA ALA B 109 -8.26 13.27 -1.24
C ALA B 109 -9.73 13.09 -0.93
N GLU B 110 -10.14 13.49 0.27
CA GLU B 110 -11.52 13.30 0.71
C GLU B 110 -12.51 14.13 -0.12
N SER B 111 -12.17 15.39 -0.38
CA SER B 111 -13.00 16.26 -1.22
C SER B 111 -12.99 15.83 -2.71
N THR B 112 -11.89 15.25 -3.18
CA THR B 112 -11.80 14.74 -4.56
C THR B 112 -12.73 13.54 -4.82
N ILE B 113 -12.93 12.70 -3.82
CA ILE B 113 -13.82 11.55 -3.99
C ILE B 113 -15.26 12.07 -4.09
N PRO B 114 -15.96 11.72 -5.18
CA PRO B 114 -17.36 12.14 -5.35
C PRO B 114 -18.20 12.01 -4.07
N SER B 115 -18.96 13.05 -3.77
CA SER B 115 -19.89 13.07 -2.65
C SER B 115 -20.85 11.90 -2.72
N GLU B 116 -21.25 11.52 -3.93
CA GLU B 116 -22.24 10.44 -4.14
C GLU B 116 -21.66 9.04 -3.83
N GLN B 117 -20.37 8.87 -4.05
CA GLN B 117 -19.67 7.68 -3.59
C GLN B 117 -19.58 7.70 -2.07
N TRP B 118 -19.29 8.86 -1.49
CA TRP B 118 -19.35 9.01 -0.04
C TRP B 118 -20.74 8.63 0.49
N THR B 119 -21.78 9.16 -0.13
CA THR B 119 -23.12 8.89 0.36
C THR B 119 -23.52 7.40 0.16
N THR B 120 -23.20 6.82 -0.99
CA THR B 120 -23.40 5.38 -1.21
C THR B 120 -22.73 4.52 -0.12
N LEU B 121 -21.48 4.85 0.22
CA LEU B 121 -20.78 4.14 1.29
C LEU B 121 -21.49 4.34 2.64
N SER B 122 -21.81 5.60 2.99
CA SER B 122 -22.49 5.90 4.24
C SER B 122 -23.79 5.12 4.37
N LYS B 123 -24.56 5.09 3.29
CA LYS B 123 -25.84 4.35 3.28
C LYS B 123 -25.71 2.85 3.43
N ASN B 124 -24.50 2.32 3.24
CA ASN B 124 -24.27 0.88 3.28
C ASN B 124 -23.39 0.43 4.44
N LEU B 125 -23.01 1.34 5.33
CA LEU B 125 -22.19 0.97 6.49
C LEU B 125 -22.84 -0.11 7.30
N ASN B 126 -24.18 -0.03 7.37
CA ASN B 126 -24.98 -1.01 8.11
C ASN B 126 -24.98 -2.42 7.51
N LYS B 127 -24.49 -2.58 6.28
CA LYS B 127 -24.36 -3.92 5.67
C LYS B 127 -23.09 -4.67 6.07
N LEU B 128 -22.35 -4.14 7.05
CA LEU B 128 -21.11 -4.79 7.53
C LEU B 128 -21.23 -6.29 7.73
N ASP B 129 -22.30 -6.75 8.36
CA ASP B 129 -22.40 -8.17 8.65
C ASP B 129 -22.66 -8.97 7.39
N GLN B 130 -23.48 -8.46 6.46
CA GLN B 130 -23.61 -9.08 5.14
C GLN B 130 -22.25 -9.21 4.45
N VAL B 131 -21.45 -8.12 4.45
CA VAL B 131 -20.13 -8.16 3.80
C VAL B 131 -19.24 -9.19 4.45
N ARG B 132 -19.24 -9.22 5.78
CA ARG B 132 -18.40 -10.20 6.48
C ARG B 132 -18.92 -11.64 6.31
N GLU B 133 -20.15 -11.83 5.82
CA GLU B 133 -20.66 -13.20 5.52
C GLU B 133 -20.17 -13.75 4.18
N THR B 134 -19.56 -12.89 3.34
CA THR B 134 -19.02 -13.32 2.04
C THR B 134 -17.66 -13.98 2.26
N LYS B 135 -17.16 -14.74 1.30
CA LYS B 135 -15.89 -15.45 1.54
C LYS B 135 -14.62 -14.60 1.49
N PHE B 136 -14.61 -13.47 0.78
CA PHE B 136 -13.42 -12.61 0.71
C PHE B 136 -13.65 -11.18 1.20
N ASP B 137 -14.67 -10.99 2.03
CA ASP B 137 -15.04 -9.67 2.57
C ASP B 137 -15.29 -8.65 1.44
N LEU B 138 -16.01 -9.10 0.42
CA LEU B 138 -16.37 -8.28 -0.73
C LEU B 138 -17.80 -8.65 -1.11
N LEU B 139 -18.67 -7.65 -1.10
CA LEU B 139 -20.10 -7.84 -1.40
C LEU B 139 -20.48 -6.90 -2.53
N GLU B 140 -20.92 -7.44 -3.65
CA GLU B 140 -21.37 -6.60 -4.74
C GLU B 140 -22.69 -5.94 -4.37
N LEU B 141 -22.82 -4.65 -4.70
CA LEU B 141 -24.09 -3.96 -4.65
C LEU B 141 -24.86 -4.27 -5.92
#